data_3W01
#
_entry.id   3W01
#
_cell.length_a   65.337
_cell.length_b   80.793
_cell.length_c   85.769
_cell.angle_alpha   90.00
_cell.angle_beta   90.00
_cell.angle_gamma   90.00
#
_symmetry.space_group_name_H-M   'P 21 21 21'
#
loop_
_entity.id
_entity.type
_entity.pdbx_description
1 polymer 'Heptaprenylglyceryl phosphate synthase'
2 non-polymer 'TRIETHYLENE GLYCOL'
3 water water
#
_entity_poly.entity_id   1
_entity_poly.type   'polypeptide(L)'
_entity_poly.pdbx_seq_one_letter_code
;AGAGAMYDIKKWRHIFKLDPAKHISDDDLDAICMSQTDAIMIGGTDDVTEDNVIHLMSKIRRYPLPLVLEISNIESVMPG
FDFYFVPTVLNSTDVAFHNGTLLEALKTYGHSIDFEEVIFEGYVVCNADSKVAKHTKANTDLTTEDLEAYAQMVNHMYRL
PVMYIEYSGIYGDVSKVQAVSEHLTETQLFYGGGISSEQQATEMAAIADTIIVGDIIYKDIKKALKTVKIKESSK
;
_entity_poly.pdbx_strand_id   A,B
#
loop_
_chem_comp.id
_chem_comp.type
_chem_comp.name
_chem_comp.formula
PGE non-polymer 'TRIETHYLENE GLYCOL' 'C6 H14 O4'
#
# COMPACT_ATOMS: atom_id res chain seq x y z
N ALA A 1 11.33 2.81 3.19
CA ALA A 1 12.26 3.75 3.87
C ALA A 1 12.93 3.00 5.01
N GLY A 2 14.24 3.16 5.10
CA GLY A 2 14.99 2.48 6.15
C GLY A 2 14.77 3.12 7.52
N ALA A 3 15.20 2.41 8.55
CA ALA A 3 15.03 2.95 9.93
C ALA A 3 15.87 4.22 10.11
N GLY A 4 17.07 4.27 9.56
CA GLY A 4 17.90 5.46 9.67
C GLY A 4 17.30 6.64 8.90
N ALA A 5 16.81 6.35 7.70
CA ALA A 5 16.17 7.39 6.90
C ALA A 5 14.99 7.98 7.67
N MET A 6 14.13 7.13 8.27
CA MET A 6 12.99 7.72 9.00
C MET A 6 13.41 8.43 10.28
N TYR A 7 14.48 7.93 10.91
CA TYR A 7 14.98 8.65 12.08
C TYR A 7 15.30 10.10 11.67
N ASP A 8 15.99 10.28 10.53
CA ASP A 8 16.33 11.64 10.06
C ASP A 8 15.09 12.44 9.67
N ILE A 9 14.21 11.82 8.87
CA ILE A 9 13.05 12.56 8.37
C ILE A 9 12.03 12.92 9.45
N LYS A 10 11.96 12.08 10.49
CA LYS A 10 11.03 12.38 11.59
C LYS A 10 11.46 13.67 12.32
N LYS A 11 12.71 14.08 12.18
CA LYS A 11 13.10 15.34 12.83
C LYS A 11 12.69 16.58 12.03
N TRP A 12 12.43 16.41 10.73
CA TRP A 12 12.05 17.55 9.89
C TRP A 12 10.70 18.12 10.22
N ARG A 13 10.67 19.46 10.24
CA ARG A 13 9.47 20.16 10.54
C ARG A 13 8.96 21.05 9.43
N HIS A 14 9.87 21.47 8.57
CA HIS A 14 9.54 22.39 7.48
C HIS A 14 10.30 22.01 6.24
N ILE A 15 9.58 21.92 5.12
CA ILE A 15 10.20 21.64 3.85
C ILE A 15 9.77 22.70 2.85
N PHE A 16 10.69 23.30 2.09
CA PHE A 16 10.29 24.21 0.98
C PHE A 16 10.18 23.32 -0.26
N LYS A 17 9.06 23.40 -0.95
CA LYS A 17 8.80 22.60 -2.14
C LYS A 17 8.84 23.47 -3.40
N LEU A 18 9.71 23.07 -4.34
CA LEU A 18 9.93 23.86 -5.59
C LEU A 18 9.33 23.11 -6.78
N ASP A 19 8.60 23.80 -7.64
CA ASP A 19 8.02 23.20 -8.87
C ASP A 19 9.03 23.47 -9.99
N PRO A 20 9.65 22.45 -10.55
CA PRO A 20 10.64 22.63 -11.60
C PRO A 20 10.11 23.26 -12.86
N ALA A 21 8.80 23.29 -12.98
CA ALA A 21 8.20 23.93 -14.16
C ALA A 21 8.19 25.45 -14.00
N LYS A 22 8.42 25.95 -12.80
CA LYS A 22 8.43 27.38 -12.57
C LYS A 22 9.84 27.92 -12.61
N HIS A 23 10.01 29.21 -12.86
CA HIS A 23 11.36 29.75 -12.87
C HIS A 23 11.55 30.37 -11.47
N ILE A 24 12.76 30.26 -10.95
CA ILE A 24 13.01 30.93 -9.67
C ILE A 24 14.37 31.62 -9.86
N SER A 25 14.48 32.90 -9.47
CA SER A 25 15.73 33.63 -9.64
C SER A 25 16.81 33.14 -8.69
N ASP A 26 18.04 33.53 -8.97
CA ASP A 26 19.14 33.11 -8.15
C ASP A 26 18.99 33.72 -6.77
N ASP A 27 18.60 35.00 -6.69
CA ASP A 27 18.38 35.65 -5.38
C ASP A 27 17.37 34.91 -4.51
N ASP A 28 16.28 34.45 -5.10
CA ASP A 28 15.22 33.82 -4.37
C ASP A 28 15.60 32.43 -3.98
N LEU A 29 16.26 31.71 -4.88
CA LEU A 29 16.69 30.33 -4.57
C LEU A 29 17.74 30.37 -3.46
N ASP A 30 18.65 31.34 -3.54
CA ASP A 30 19.67 31.41 -2.50
C ASP A 30 19.01 31.68 -1.13
N ALA A 31 18.06 32.59 -1.06
CA ALA A 31 17.36 32.89 0.20
C ALA A 31 16.70 31.61 0.77
N ILE A 32 16.02 30.86 -0.10
CA ILE A 32 15.34 29.63 0.30
C ILE A 32 16.36 28.59 0.80
N CYS A 33 17.42 28.43 0.03
CA CYS A 33 18.34 27.34 0.40
C CYS A 33 19.23 27.64 1.59
N MET A 34 19.37 28.91 1.92
CA MET A 34 20.16 29.30 3.09
C MET A 34 19.31 29.50 4.33
N SER A 35 18.00 29.28 4.20
CA SER A 35 17.08 29.50 5.30
C SER A 35 17.09 28.38 6.35
N GLN A 36 16.25 28.57 7.35
CA GLN A 36 16.14 27.57 8.40
C GLN A 36 15.22 26.38 8.06
N THR A 37 14.89 26.21 6.77
CA THR A 37 14.10 25.05 6.41
C THR A 37 14.90 23.76 6.67
N ASP A 38 14.19 22.63 6.80
CA ASP A 38 14.90 21.39 6.99
C ASP A 38 15.31 20.65 5.69
N ALA A 39 14.64 20.97 4.57
CA ALA A 39 14.97 20.26 3.34
C ALA A 39 14.32 20.98 2.18
N ILE A 40 14.85 20.72 0.98
CA ILE A 40 14.23 21.26 -0.23
C ILE A 40 13.68 20.03 -0.99
N MET A 41 12.43 20.11 -1.42
CA MET A 41 11.79 19.03 -2.17
C MET A 41 11.42 19.53 -3.57
N ILE A 42 11.89 18.86 -4.62
CA ILE A 42 11.46 19.20 -5.97
C ILE A 42 10.21 18.38 -6.24
N GLY A 43 9.15 19.09 -6.67
CA GLY A 43 7.89 18.44 -6.95
C GLY A 43 7.03 19.32 -7.86
N GLY A 44 6.23 18.72 -8.70
CA GLY A 44 5.43 19.57 -9.56
C GLY A 44 4.24 18.75 -9.94
N THR A 45 3.54 19.13 -11.01
CA THR A 45 2.36 18.35 -11.41
C THR A 45 2.60 17.84 -12.82
N ASP A 46 2.22 18.64 -13.81
CA ASP A 46 2.48 18.23 -15.19
C ASP A 46 3.70 19.12 -15.55
N ASP A 47 4.36 18.85 -16.64
CA ASP A 47 5.53 19.62 -16.99
C ASP A 47 6.72 19.39 -16.05
N VAL A 48 6.82 18.22 -15.46
CA VAL A 48 8.01 17.95 -14.67
C VAL A 48 8.82 17.13 -15.70
N THR A 49 9.97 17.65 -16.11
CA THR A 49 10.75 16.94 -17.13
C THR A 49 12.15 16.59 -16.66
N GLU A 50 12.82 15.72 -17.43
CA GLU A 50 14.20 15.42 -17.09
C GLU A 50 14.99 16.73 -17.14
N ASP A 51 14.80 17.54 -18.18
CA ASP A 51 15.57 18.76 -18.21
C ASP A 51 15.31 19.75 -17.09
N ASN A 52 14.04 19.95 -16.70
CA ASN A 52 13.87 20.96 -15.69
C ASN A 52 14.22 20.48 -14.30
N VAL A 53 14.11 19.17 -14.05
CA VAL A 53 14.56 18.64 -12.76
C VAL A 53 16.08 18.70 -12.68
N ILE A 54 16.73 18.34 -13.78
CA ILE A 54 18.20 18.40 -13.83
C ILE A 54 18.69 19.81 -13.55
N HIS A 55 18.10 20.80 -14.22
CA HIS A 55 18.46 22.19 -14.13
C HIS A 55 18.28 22.73 -12.72
N LEU A 56 17.17 22.37 -12.11
CA LEU A 56 16.93 22.88 -10.78
C LEU A 56 17.81 22.20 -9.74
N MET A 57 17.92 20.88 -9.81
CA MET A 57 18.73 20.13 -8.87
C MET A 57 20.17 20.59 -8.96
N SER A 58 20.63 20.91 -10.16
CA SER A 58 22.05 21.32 -10.29
C SER A 58 22.32 22.63 -9.53
N LYS A 59 21.34 23.55 -9.49
CA LYS A 59 21.49 24.81 -8.77
C LYS A 59 21.40 24.57 -7.25
N ILE A 60 20.55 23.62 -6.84
CA ILE A 60 20.41 23.37 -5.40
C ILE A 60 21.54 22.60 -4.80
N ARG A 61 22.23 21.78 -5.61
CA ARG A 61 23.37 20.99 -5.11
C ARG A 61 24.52 21.89 -4.65
N ARG A 62 24.45 23.16 -4.99
CA ARG A 62 25.43 24.17 -4.57
C ARG A 62 25.30 24.36 -3.04
N TYR A 63 24.19 23.87 -2.47
CA TYR A 63 23.91 23.98 -1.02
C TYR A 63 23.96 22.64 -0.27
N PRO A 64 24.33 22.67 1.02
CA PRO A 64 24.42 21.45 1.82
C PRO A 64 23.17 20.80 2.39
N LEU A 65 22.04 21.48 2.38
CA LEU A 65 20.89 20.86 3.03
C LEU A 65 20.29 19.69 2.23
N PRO A 66 19.44 18.87 2.86
CA PRO A 66 18.86 17.72 2.15
C PRO A 66 18.03 18.12 0.96
N LEU A 67 18.19 17.39 -0.14
CA LEU A 67 17.48 17.66 -1.36
C LEU A 67 16.76 16.38 -1.70
N VAL A 68 15.44 16.48 -1.82
CA VAL A 68 14.63 15.30 -2.10
C VAL A 68 13.78 15.47 -3.34
N LEU A 69 13.50 14.35 -4.01
CA LEU A 69 12.67 14.40 -5.21
C LEU A 69 11.38 13.72 -4.92
N GLU A 70 10.27 14.44 -5.12
CA GLU A 70 8.94 13.80 -5.02
C GLU A 70 8.69 13.37 -6.45
N ILE A 71 8.74 12.07 -6.69
CA ILE A 71 8.66 11.60 -8.08
C ILE A 71 7.29 11.81 -8.69
N SER A 72 7.26 12.47 -9.86
CA SER A 72 6.05 12.81 -10.62
C SER A 72 5.82 11.88 -11.83
N ASN A 73 6.89 11.35 -12.35
CA ASN A 73 6.77 10.50 -13.54
C ASN A 73 8.06 9.81 -13.74
N ILE A 74 8.08 8.91 -14.72
CA ILE A 74 9.29 8.17 -14.94
C ILE A 74 10.46 8.95 -15.54
N GLU A 75 10.12 9.89 -16.43
CA GLU A 75 11.11 10.69 -17.17
C GLU A 75 12.10 11.45 -16.33
N SER A 76 11.57 12.04 -15.28
CA SER A 76 12.36 12.86 -14.40
C SER A 76 13.04 12.12 -13.23
N VAL A 77 12.85 10.81 -13.11
CA VAL A 77 13.56 10.09 -12.06
C VAL A 77 15.04 10.06 -12.47
N MET A 78 15.91 10.29 -11.50
CA MET A 78 17.34 10.32 -11.74
C MET A 78 18.10 10.23 -10.43
N PRO A 79 19.36 9.77 -10.50
CA PRO A 79 20.15 9.69 -9.27
C PRO A 79 20.55 11.04 -8.69
N GLY A 80 21.04 11.02 -7.47
CA GLY A 80 21.55 12.24 -6.91
C GLY A 80 20.81 12.88 -5.76
N PHE A 81 19.57 12.47 -5.53
CA PHE A 81 18.82 13.05 -4.41
C PHE A 81 19.09 12.30 -3.13
N ASP A 82 18.96 13.02 -2.02
CA ASP A 82 19.15 12.36 -0.75
C ASP A 82 18.07 11.34 -0.42
N PHE A 83 16.82 11.62 -0.82
CA PHE A 83 15.71 10.72 -0.62
C PHE A 83 14.77 10.91 -1.78
N TYR A 84 13.94 9.90 -1.98
CA TYR A 84 12.92 9.93 -3.02
C TYR A 84 11.57 9.64 -2.40
N PHE A 85 10.67 10.61 -2.51
CA PHE A 85 9.34 10.48 -2.01
C PHE A 85 8.43 10.10 -3.17
N VAL A 86 7.64 9.06 -2.93
CA VAL A 86 6.74 8.55 -3.96
C VAL A 86 5.30 8.59 -3.48
N PRO A 87 4.49 9.45 -4.10
CA PRO A 87 3.08 9.51 -3.70
C PRO A 87 2.25 8.34 -4.23
N THR A 88 1.32 7.88 -3.41
CA THR A 88 0.28 7.00 -3.92
C THR A 88 -0.96 7.89 -3.59
N VAL A 89 -1.71 8.27 -4.61
CA VAL A 89 -2.81 9.25 -4.40
C VAL A 89 -4.04 8.45 -4.09
N LEU A 90 -4.31 8.33 -2.79
CA LEU A 90 -5.34 7.45 -2.31
C LEU A 90 -6.72 7.76 -2.78
N ASN A 91 -6.98 9.05 -3.01
CA ASN A 91 -8.30 9.41 -3.51
C ASN A 91 -8.37 9.65 -4.98
N SER A 92 -7.34 9.23 -5.69
CA SER A 92 -7.39 9.29 -7.17
C SER A 92 -8.38 8.23 -7.66
N THR A 93 -9.08 8.56 -8.75
CA THR A 93 -9.95 7.57 -9.38
C THR A 93 -9.19 6.77 -10.44
N ASP A 94 -7.90 7.06 -10.64
CA ASP A 94 -7.10 6.38 -11.67
C ASP A 94 -5.95 5.58 -11.06
N VAL A 95 -5.89 4.27 -11.33
CA VAL A 95 -4.84 3.42 -10.78
C VAL A 95 -3.43 3.85 -11.14
N ALA A 96 -3.25 4.64 -12.22
CA ALA A 96 -1.93 5.11 -12.58
C ALA A 96 -1.32 5.85 -11.41
N PHE A 97 -2.18 6.55 -10.68
CA PHE A 97 -1.69 7.38 -9.54
C PHE A 97 -1.68 6.63 -8.19
N HIS A 98 -2.20 5.42 -8.20
CA HIS A 98 -2.13 4.53 -7.04
C HIS A 98 -0.82 3.75 -7.16
N ASN A 99 -0.63 2.98 -8.23
CA ASN A 99 0.64 2.26 -8.41
C ASN A 99 1.01 1.95 -9.85
N GLY A 100 0.22 2.43 -10.81
CA GLY A 100 0.53 2.04 -12.19
C GLY A 100 1.77 2.67 -12.75
N THR A 101 1.97 3.95 -12.42
CA THR A 101 3.17 4.62 -12.88
C THR A 101 4.37 4.08 -12.10
N LEU A 102 4.17 3.80 -10.80
CA LEU A 102 5.20 3.22 -9.94
C LEU A 102 5.69 1.88 -10.51
N LEU A 103 4.74 1.06 -10.96
CA LEU A 103 5.08 -0.23 -11.54
C LEU A 103 6.06 -0.04 -12.71
N GLU A 104 5.74 0.90 -13.59
CA GLU A 104 6.62 1.14 -14.75
C GLU A 104 8.00 1.62 -14.31
N ALA A 105 8.05 2.48 -13.28
CA ALA A 105 9.32 2.97 -12.76
C ALA A 105 10.13 1.83 -12.12
N LEU A 106 9.44 0.88 -11.49
CA LEU A 106 10.20 -0.20 -10.85
C LEU A 106 10.74 -1.15 -11.90
N LYS A 107 10.01 -1.31 -12.99
CA LYS A 107 10.51 -2.18 -14.05
C LYS A 107 11.81 -1.60 -14.61
N THR A 108 11.82 -0.29 -14.82
CA THR A 108 12.97 0.40 -15.38
C THR A 108 14.19 0.52 -14.49
N TYR A 109 13.95 0.84 -13.22
CA TYR A 109 15.02 1.10 -12.26
C TYR A 109 15.14 0.15 -11.09
N GLY A 110 14.22 -0.78 -10.94
CA GLY A 110 14.27 -1.64 -9.77
C GLY A 110 15.55 -2.37 -9.44
N HIS A 111 16.32 -2.62 -10.48
CA HIS A 111 17.56 -3.32 -10.34
C HIS A 111 18.57 -2.60 -9.50
N SER A 112 18.51 -1.33 -9.47
CA SER A 112 19.41 -0.59 -8.75
C SER A 112 18.89 0.45 -7.78
N ILE A 113 17.76 0.27 -7.22
CA ILE A 113 17.22 1.23 -6.31
C ILE A 113 17.64 0.85 -4.96
N ASP A 114 17.94 1.83 -4.14
CA ASP A 114 18.19 1.60 -2.72
C ASP A 114 16.88 2.00 -2.05
N PHE A 115 16.06 0.98 -1.73
CA PHE A 115 14.74 1.26 -1.20
C PHE A 115 14.77 1.87 0.19
N GLU A 116 15.90 1.88 0.86
CA GLU A 116 15.93 2.50 2.18
C GLU A 116 15.80 4.03 2.04
N GLU A 117 16.07 4.56 0.85
CA GLU A 117 15.98 6.00 0.67
C GLU A 117 14.68 6.39 -0.06
N VAL A 118 13.75 5.45 -0.20
CA VAL A 118 12.48 5.65 -0.84
C VAL A 118 11.39 5.68 0.20
N ILE A 119 10.62 6.76 0.16
CA ILE A 119 9.53 6.96 1.15
C ILE A 119 8.21 6.98 0.41
N PHE A 120 7.38 5.98 0.66
CA PHE A 120 6.06 5.85 -0.01
C PHE A 120 5.12 6.65 0.87
N GLU A 121 4.44 7.65 0.25
CA GLU A 121 3.57 8.61 0.93
C GLU A 121 2.10 8.39 0.59
N GLY A 122 1.24 8.28 1.60
CA GLY A 122 -0.18 8.16 1.27
C GLY A 122 -0.68 9.58 1.17
N TYR A 123 -1.00 9.96 -0.06
CA TYR A 123 -1.38 11.28 -0.38
C TYR A 123 -2.90 11.44 -0.50
N VAL A 124 -3.49 12.48 0.10
CA VAL A 124 -4.94 12.73 -0.08
C VAL A 124 -5.01 14.17 -0.59
N VAL A 125 -5.54 14.35 -1.81
CA VAL A 125 -5.62 15.68 -2.43
C VAL A 125 -6.98 16.26 -2.02
N CYS A 126 -6.94 17.44 -1.37
CA CYS A 126 -8.14 17.99 -0.80
C CYS A 126 -8.72 19.25 -1.38
N ASN A 127 -8.01 19.91 -2.26
CA ASN A 127 -8.54 21.16 -2.88
C ASN A 127 -8.96 20.89 -4.35
N ALA A 128 -10.26 20.97 -4.68
CA ALA A 128 -10.69 20.72 -6.08
C ALA A 128 -10.07 21.64 -7.12
N ASP A 129 -9.85 22.89 -6.71
CA ASP A 129 -9.36 23.93 -7.59
C ASP A 129 -7.85 24.04 -7.63
N SER A 130 -7.21 22.93 -7.98
CA SER A 130 -5.78 22.90 -8.05
C SER A 130 -5.35 22.03 -9.20
N LYS A 131 -4.18 22.35 -9.75
CA LYS A 131 -3.58 21.57 -10.83
C LYS A 131 -3.35 20.15 -10.27
N VAL A 132 -2.94 20.00 -9.00
CA VAL A 132 -2.69 18.61 -8.57
C VAL A 132 -3.98 17.77 -8.55
N ALA A 133 -5.12 18.33 -8.10
CA ALA A 133 -6.40 17.63 -8.10
C ALA A 133 -6.78 17.26 -9.52
N LYS A 134 -6.64 18.21 -10.45
CA LYS A 134 -7.00 17.88 -11.83
C LYS A 134 -6.06 16.85 -12.42
N HIS A 135 -4.75 17.05 -12.21
CA HIS A 135 -3.73 16.16 -12.74
C HIS A 135 -3.85 14.71 -12.24
N THR A 136 -4.08 14.59 -10.95
CA THR A 136 -4.14 13.24 -10.33
C THR A 136 -5.54 12.64 -10.32
N LYS A 137 -6.50 13.34 -10.91
CA LYS A 137 -7.88 12.85 -11.00
C LYS A 137 -8.47 12.51 -9.62
N ALA A 138 -8.16 13.39 -8.68
CA ALA A 138 -8.59 13.19 -7.33
C ALA A 138 -10.05 13.46 -7.11
N ASN A 139 -10.67 12.65 -6.25
CA ASN A 139 -12.03 12.89 -5.84
C ASN A 139 -11.91 13.73 -4.56
N THR A 140 -12.14 15.06 -4.68
CA THR A 140 -12.03 15.92 -3.50
C THR A 140 -13.30 16.10 -2.67
N ASP A 141 -14.38 15.43 -3.02
CA ASP A 141 -15.63 15.54 -2.25
C ASP A 141 -15.49 14.67 -1.00
N LEU A 142 -14.72 15.16 -0.05
CA LEU A 142 -14.36 14.41 1.15
C LEU A 142 -14.86 15.00 2.45
N THR A 143 -15.38 14.15 3.32
CA THR A 143 -15.84 14.59 4.63
C THR A 143 -14.74 14.28 5.64
N THR A 144 -14.90 14.81 6.84
CA THR A 144 -13.97 14.53 7.90
C THR A 144 -13.88 13.03 8.10
N GLU A 145 -15.02 12.34 7.96
CA GLU A 145 -15.06 10.88 8.12
C GLU A 145 -14.25 10.18 7.07
N ASP A 146 -14.31 10.70 5.85
CA ASP A 146 -13.53 10.11 4.76
C ASP A 146 -12.06 10.24 5.14
N LEU A 147 -11.67 11.45 5.55
CA LEU A 147 -10.29 11.65 5.91
C LEU A 147 -9.84 10.81 7.09
N GLU A 148 -10.69 10.61 8.09
CA GLU A 148 -10.31 9.77 9.22
C GLU A 148 -10.13 8.31 8.77
N ALA A 149 -11.00 7.89 7.83
CA ALA A 149 -10.89 6.53 7.30
C ALA A 149 -9.59 6.34 6.49
N TYR A 150 -9.25 7.35 5.69
CA TYR A 150 -7.95 7.28 4.95
C TYR A 150 -6.80 7.25 5.97
N ALA A 151 -6.91 8.01 7.06
CA ALA A 151 -5.83 8.02 8.05
C ALA A 151 -5.69 6.63 8.69
N GLN A 152 -6.85 5.97 8.99
CA GLN A 152 -6.76 4.62 9.57
C GLN A 152 -6.13 3.60 8.58
N MET A 153 -6.50 3.74 7.32
CA MET A 153 -5.97 2.90 6.25
C MET A 153 -4.42 2.99 6.17
N VAL A 154 -3.97 4.25 6.14
CA VAL A 154 -2.55 4.53 6.02
C VAL A 154 -1.82 4.09 7.26
N ASN A 155 -2.35 4.43 8.43
CA ASN A 155 -1.55 4.14 9.63
C ASN A 155 -1.58 2.65 10.05
N HIS A 156 -2.77 2.05 9.99
CA HIS A 156 -2.98 0.69 10.54
C HIS A 156 -2.85 -0.48 9.57
N MET A 157 -3.12 -0.21 8.31
CA MET A 157 -3.05 -1.32 7.34
C MET A 157 -1.92 -1.25 6.38
N TYR A 158 -1.82 -0.13 5.65
CA TYR A 158 -0.63 0.01 4.82
C TYR A 158 0.62 0.25 5.72
N ARG A 159 0.40 0.96 6.84
CA ARG A 159 1.48 1.38 7.74
C ARG A 159 2.56 2.16 6.96
N LEU A 160 2.13 3.13 6.14
CA LEU A 160 3.08 3.90 5.32
C LEU A 160 3.85 4.85 6.21
N PRO A 161 5.08 5.18 5.84
CA PRO A 161 5.84 6.10 6.70
C PRO A 161 5.29 7.53 6.76
N VAL A 162 4.57 7.94 5.74
CA VAL A 162 4.09 9.32 5.65
C VAL A 162 2.68 9.37 5.09
N MET A 163 1.84 10.23 5.68
CA MET A 163 0.50 10.53 5.10
C MET A 163 0.64 12.03 4.73
N TYR A 164 0.26 12.40 3.51
CA TYR A 164 0.44 13.79 3.06
C TYR A 164 -0.93 14.36 2.76
N ILE A 165 -1.37 15.33 3.57
CA ILE A 165 -2.68 16.03 3.34
C ILE A 165 -2.30 17.25 2.46
N GLU A 166 -2.82 17.25 1.22
CA GLU A 166 -2.49 18.22 0.22
C GLU A 166 -3.63 19.15 -0.12
N TYR A 167 -3.46 20.41 0.27
CA TYR A 167 -4.47 21.42 -0.04
C TYR A 167 -3.93 22.41 -1.03
N SER A 168 -2.86 22.06 -1.73
CA SER A 168 -2.21 22.91 -2.74
C SER A 168 -3.18 23.92 -3.33
N GLY A 169 -2.88 25.20 -3.15
CA GLY A 169 -3.72 26.27 -3.66
C GLY A 169 -4.51 27.07 -2.63
N ILE A 170 -4.64 26.57 -1.41
CA ILE A 170 -5.40 27.24 -0.38
C ILE A 170 -4.99 26.72 0.99
N TYR A 171 -5.21 27.53 2.02
CA TYR A 171 -4.97 27.10 3.38
C TYR A 171 -6.16 26.18 3.77
N GLY A 172 -5.83 24.98 4.22
CA GLY A 172 -6.78 23.91 4.54
C GLY A 172 -7.63 24.08 5.75
N ASP A 173 -8.47 23.07 5.96
CA ASP A 173 -9.38 23.01 7.07
C ASP A 173 -8.62 22.45 8.27
N VAL A 174 -8.28 23.32 9.21
CA VAL A 174 -7.55 22.91 10.37
C VAL A 174 -8.22 21.78 11.16
N SER A 175 -9.56 21.78 11.25
CA SER A 175 -10.22 20.73 12.04
C SER A 175 -10.05 19.36 11.39
N LYS A 176 -9.99 19.36 10.07
CA LYS A 176 -9.77 18.12 9.34
C LYS A 176 -8.36 17.57 9.52
N VAL A 177 -7.38 18.48 9.51
CA VAL A 177 -6.01 18.05 9.70
C VAL A 177 -5.92 17.52 11.11
N GLN A 178 -6.52 18.22 12.09
CA GLN A 178 -6.53 17.69 13.43
C GLN A 178 -7.16 16.29 13.52
N ALA A 179 -8.32 16.12 12.88
CA ALA A 179 -8.99 14.82 12.90
C ALA A 179 -8.11 13.69 12.35
N VAL A 180 -7.39 13.98 11.27
CA VAL A 180 -6.48 12.98 10.69
C VAL A 180 -5.36 12.65 11.67
N SER A 181 -4.83 13.67 12.35
CA SER A 181 -3.74 13.42 13.26
C SER A 181 -4.13 12.49 14.39
N GLU A 182 -5.40 12.51 14.77
CA GLU A 182 -5.77 11.64 15.89
C GLU A 182 -5.68 10.15 15.60
N HIS A 183 -5.53 9.79 14.33
CA HIS A 183 -5.42 8.37 13.90
C HIS A 183 -4.03 7.98 13.50
N LEU A 184 -3.15 8.94 13.46
CA LEU A 184 -1.76 8.61 13.06
C LEU A 184 -0.85 8.48 14.21
N THR A 185 -0.11 7.37 14.24
CA THR A 185 0.84 7.12 15.31
C THR A 185 2.25 6.96 14.78
N GLU A 186 2.54 5.84 14.12
CA GLU A 186 3.89 5.64 13.60
C GLU A 186 4.06 6.36 12.24
N THR A 187 2.93 6.61 11.57
CA THR A 187 3.00 7.34 10.29
C THR A 187 3.13 8.84 10.56
N GLN A 188 4.05 9.50 9.85
CA GLN A 188 4.25 10.93 9.99
C GLN A 188 3.18 11.66 9.21
N LEU A 189 2.71 12.82 9.72
CA LEU A 189 1.71 13.57 8.98
C LEU A 189 2.40 14.80 8.36
N PHE A 190 2.37 14.84 7.03
CA PHE A 190 2.88 15.98 6.28
C PHE A 190 1.66 16.78 5.86
N TYR A 191 1.73 18.11 5.92
CA TYR A 191 0.62 18.94 5.45
C TYR A 191 1.18 20.03 4.56
N GLY A 192 0.52 20.23 3.42
CA GLY A 192 0.90 21.28 2.49
C GLY A 192 -0.37 22.04 2.00
N GLY A 193 -0.27 23.35 1.83
CA GLY A 193 -1.37 24.12 1.25
C GLY A 193 -1.56 25.49 1.87
N GLY A 194 -1.29 26.51 1.06
CA GLY A 194 -1.58 27.90 1.42
C GLY A 194 -0.82 28.54 2.54
N ILE A 195 0.20 27.86 3.09
CA ILE A 195 0.93 28.48 4.21
C ILE A 195 1.74 29.69 3.71
N SER A 196 1.47 30.89 4.26
CA SER A 196 2.20 32.03 3.78
C SER A 196 2.53 33.04 4.86
N SER A 197 2.56 32.55 6.08
CA SER A 197 2.91 33.36 7.23
C SER A 197 3.43 32.54 8.37
N GLU A 198 4.09 33.20 9.34
CA GLU A 198 4.57 32.53 10.54
C GLU A 198 3.36 31.92 11.29
N GLN A 199 2.24 32.67 11.30
CA GLN A 199 1.10 32.17 12.02
C GLN A 199 0.45 30.95 11.43
N GLN A 200 0.35 30.88 10.11
CA GLN A 200 -0.26 29.69 9.46
C GLN A 200 0.70 28.53 9.60
N ALA A 201 2.01 28.83 9.47
CA ALA A 201 3.00 27.78 9.63
C ALA A 201 2.94 27.18 11.01
N THR A 202 2.87 28.06 12.03
CA THR A 202 2.80 27.61 13.40
C THR A 202 1.57 26.82 13.73
N GLU A 203 0.44 27.29 13.16
CA GLU A 203 -0.84 26.62 13.43
C GLU A 203 -0.83 25.17 12.87
N MET A 204 -0.44 25.04 11.60
CA MET A 204 -0.44 23.70 11.03
C MET A 204 0.69 22.82 11.57
N ALA A 205 1.83 23.43 11.90
CA ALA A 205 2.93 22.64 12.47
C ALA A 205 2.67 22.19 13.90
N ALA A 206 1.64 22.73 14.54
CA ALA A 206 1.28 22.24 15.87
C ALA A 206 0.46 20.95 15.74
N ILE A 207 0.01 20.63 14.52
CA ILE A 207 -0.80 19.44 14.31
C ILE A 207 -0.03 18.42 13.47
N ALA A 208 0.41 18.89 12.32
CA ALA A 208 1.21 18.02 11.46
C ALA A 208 2.60 17.90 11.99
N ASP A 209 3.28 16.81 11.64
CA ASP A 209 4.67 16.66 12.03
C ASP A 209 5.59 17.53 11.16
N THR A 210 5.22 17.75 9.90
CA THR A 210 6.06 18.51 8.99
C THR A 210 5.15 19.28 8.06
N ILE A 211 5.47 20.57 7.89
CA ILE A 211 4.72 21.40 6.93
C ILE A 211 5.55 21.58 5.65
N ILE A 212 4.82 21.62 4.53
CA ILE A 212 5.37 21.83 3.22
C ILE A 212 4.90 23.19 2.72
N VAL A 213 5.85 24.01 2.30
CA VAL A 213 5.56 25.37 1.82
C VAL A 213 6.11 25.51 0.41
N GLY A 214 5.19 25.89 -0.48
CA GLY A 214 5.57 25.98 -1.85
C GLY A 214 5.13 27.23 -2.62
N ASP A 215 3.83 27.40 -2.85
CA ASP A 215 3.43 28.51 -3.73
C ASP A 215 3.92 29.88 -3.33
N ILE A 216 3.90 30.16 -2.03
CA ILE A 216 4.29 31.50 -1.54
C ILE A 216 5.70 31.87 -1.98
N ILE A 217 6.56 30.88 -2.14
CA ILE A 217 7.94 31.13 -2.55
C ILE A 217 8.06 32.03 -3.81
N TYR A 218 7.15 31.81 -4.76
CA TYR A 218 7.19 32.51 -6.02
C TYR A 218 6.42 33.83 -5.98
N LYS A 219 5.62 34.04 -4.93
CA LYS A 219 4.77 35.23 -4.80
C LYS A 219 5.30 36.28 -3.81
N ASP A 220 6.02 35.88 -2.76
CA ASP A 220 6.51 36.88 -1.80
C ASP A 220 7.64 36.11 -1.01
N ILE A 221 8.91 36.27 -1.40
CA ILE A 221 10.04 35.52 -0.77
C ILE A 221 10.10 35.87 0.72
N LYS A 222 9.90 37.13 1.10
CA LYS A 222 9.93 37.43 2.55
C LYS A 222 8.80 36.70 3.30
N LYS A 223 7.59 36.61 2.73
CA LYS A 223 6.53 35.87 3.43
C LYS A 223 6.91 34.36 3.55
N ALA A 224 7.48 33.84 2.46
CA ALA A 224 7.95 32.44 2.47
C ALA A 224 8.93 32.21 3.58
N LEU A 225 9.86 33.17 3.72
CA LEU A 225 10.85 33.03 4.79
C LEU A 225 10.24 33.05 6.18
N LYS A 226 9.14 33.77 6.38
CA LYS A 226 8.55 33.75 7.71
C LYS A 226 7.98 32.38 8.12
N THR A 227 7.70 31.56 7.11
CA THR A 227 7.09 30.25 7.41
C THR A 227 8.03 29.27 8.12
N VAL A 228 9.34 29.53 8.08
CA VAL A 228 10.22 28.68 8.82
C VAL A 228 10.17 28.97 10.36
N LYS A 229 9.49 30.06 10.76
CA LYS A 229 9.48 30.40 12.19
C LYS A 229 8.43 29.64 12.96
N ILE A 230 8.56 28.33 13.10
CA ILE A 230 7.54 27.63 13.82
C ILE A 230 7.77 27.40 15.33
N ALA B 3 -1.10 -17.31 20.85
CA ALA B 3 0.21 -17.83 21.33
C ALA B 3 0.67 -19.10 20.59
N GLY B 4 1.98 -19.23 20.42
CA GLY B 4 2.55 -20.40 19.79
C GLY B 4 2.69 -20.44 18.28
N ALA B 5 3.47 -21.40 17.83
CA ALA B 5 3.63 -21.58 16.38
C ALA B 5 2.24 -21.60 15.67
N MET B 6 1.24 -22.12 16.39
CA MET B 6 -0.11 -22.25 15.82
C MET B 6 -0.67 -20.91 15.28
N TYR B 7 -0.47 -19.82 16.01
CA TYR B 7 -1.02 -18.52 15.54
C TYR B 7 0.01 -17.61 14.86
N ASP B 8 1.17 -18.16 14.58
CA ASP B 8 2.21 -17.36 13.93
C ASP B 8 2.07 -17.62 12.44
N ILE B 9 1.48 -16.66 11.72
CA ILE B 9 1.23 -16.84 10.29
C ILE B 9 2.52 -17.11 9.53
N LYS B 10 3.67 -16.59 10.00
CA LYS B 10 4.92 -16.80 9.29
C LYS B 10 5.38 -18.24 9.22
N LYS B 11 4.88 -19.05 10.15
CA LYS B 11 5.20 -20.47 10.18
C LYS B 11 4.22 -21.35 9.37
N TRP B 12 3.10 -20.80 8.94
CA TRP B 12 2.12 -21.60 8.21
C TRP B 12 2.66 -21.94 6.84
N ARG B 13 2.41 -23.17 6.43
CA ARG B 13 2.91 -23.64 5.11
C ARG B 13 1.78 -24.02 4.22
N HIS B 14 0.67 -24.43 4.80
CA HIS B 14 -0.52 -24.89 4.03
C HIS B 14 -1.80 -24.40 4.68
N ILE B 15 -2.74 -23.92 3.87
CA ILE B 15 -4.04 -23.44 4.29
C ILE B 15 -5.09 -24.05 3.37
N PHE B 16 -6.11 -24.65 3.96
CA PHE B 16 -7.28 -25.11 3.18
C PHE B 16 -8.26 -23.95 3.17
N LYS B 17 -8.68 -23.56 1.96
CA LYS B 17 -9.57 -22.46 1.74
C LYS B 17 -10.94 -22.94 1.31
N LEU B 18 -11.94 -22.60 2.11
CA LEU B 18 -13.34 -23.00 1.88
C LEU B 18 -14.12 -21.83 1.28
N ASP B 19 -14.89 -22.19 0.22
CA ASP B 19 -15.81 -21.27 -0.44
C ASP B 19 -17.14 -21.63 0.25
N PRO B 20 -17.65 -20.74 1.10
CA PRO B 20 -18.90 -21.05 1.81
C PRO B 20 -20.14 -21.19 0.93
N ALA B 21 -20.01 -20.83 -0.33
CA ALA B 21 -21.13 -20.98 -1.27
C ALA B 21 -21.15 -22.39 -1.86
N LYS B 22 -20.08 -23.18 -1.64
CA LYS B 22 -19.99 -24.56 -2.14
C LYS B 22 -20.34 -25.55 -1.04
N HIS B 23 -20.72 -26.74 -1.48
CA HIS B 23 -21.08 -27.80 -0.57
C HIS B 23 -19.92 -28.69 -0.17
N ILE B 24 -19.83 -28.98 1.12
CA ILE B 24 -18.82 -29.91 1.60
C ILE B 24 -19.52 -30.77 2.67
N SER B 25 -19.37 -32.09 2.55
CA SER B 25 -19.96 -33.02 3.50
C SER B 25 -19.33 -32.87 4.87
N ASP B 26 -20.05 -33.27 5.92
CA ASP B 26 -19.48 -33.16 7.27
C ASP B 26 -18.26 -34.06 7.32
N ASP B 27 -18.33 -35.23 6.69
CA ASP B 27 -17.18 -36.11 6.74
C ASP B 27 -15.94 -35.49 6.09
N ASP B 28 -16.16 -34.84 4.94
CA ASP B 28 -15.05 -34.23 4.23
C ASP B 28 -14.52 -33.03 4.99
N LEU B 29 -15.39 -32.32 5.67
CA LEU B 29 -14.96 -31.17 6.46
C LEU B 29 -14.15 -31.68 7.65
N ASP B 30 -14.63 -32.71 8.32
CA ASP B 30 -13.86 -33.24 9.47
C ASP B 30 -12.50 -33.70 8.97
N ALA B 31 -12.44 -34.30 7.79
CA ALA B 31 -11.17 -34.77 7.27
C ALA B 31 -10.19 -33.61 7.08
N ILE B 32 -10.69 -32.50 6.55
CA ILE B 32 -9.87 -31.31 6.39
C ILE B 32 -9.35 -30.77 7.75
N CYS B 33 -10.26 -30.71 8.71
CA CYS B 33 -9.94 -30.13 10.00
C CYS B 33 -8.99 -30.95 10.82
N MET B 34 -9.00 -32.26 10.63
CA MET B 34 -8.07 -33.11 11.39
C MET B 34 -6.77 -33.37 10.64
N SER B 35 -6.62 -32.74 9.47
CA SER B 35 -5.43 -32.93 8.67
C SER B 35 -4.31 -32.07 9.27
N GLN B 36 -3.11 -32.18 8.72
CA GLN B 36 -2.06 -31.36 9.27
C GLN B 36 -1.95 -30.00 8.63
N THR B 37 -3.02 -29.54 8.00
CA THR B 37 -3.02 -28.17 7.46
C THR B 37 -2.76 -27.19 8.63
N ASP B 38 -2.27 -26.00 8.32
CA ASP B 38 -2.01 -25.03 9.35
C ASP B 38 -3.20 -24.14 9.71
N ALA B 39 -4.20 -23.99 8.83
CA ALA B 39 -5.34 -23.17 9.16
C ALA B 39 -6.43 -23.42 8.13
N ILE B 40 -7.64 -23.04 8.51
CA ILE B 40 -8.75 -23.07 7.58
C ILE B 40 -9.08 -21.61 7.31
N MET B 41 -9.16 -21.23 6.04
CA MET B 41 -9.53 -19.83 5.69
C MET B 41 -10.90 -19.89 4.97
N ILE B 42 -11.85 -19.09 5.41
CA ILE B 42 -13.15 -19.02 4.70
C ILE B 42 -13.05 -17.85 3.73
N GLY B 43 -13.31 -18.12 2.45
CA GLY B 43 -13.21 -17.04 1.48
C GLY B 43 -14.47 -16.29 1.23
N VAL B 48 -22.82 -12.29 1.86
CA VAL B 48 -23.42 -12.61 3.17
C VAL B 48 -24.28 -13.88 3.22
N THR B 49 -23.71 -15.01 2.79
CA THR B 49 -24.42 -16.29 2.86
C THR B 49 -24.09 -16.72 4.31
N GLU B 50 -24.27 -15.75 5.21
CA GLU B 50 -23.98 -15.90 6.63
C GLU B 50 -24.35 -17.15 7.36
N ASP B 51 -25.46 -17.77 7.00
CA ASP B 51 -25.87 -18.96 7.72
C ASP B 51 -25.00 -20.20 7.50
N ASN B 52 -24.50 -20.42 6.29
CA ASN B 52 -23.63 -21.57 6.13
C ASN B 52 -22.34 -21.23 6.87
N VAL B 53 -21.90 -19.98 6.80
CA VAL B 53 -20.67 -19.57 7.47
C VAL B 53 -20.74 -19.81 9.00
N ILE B 54 -21.83 -19.40 9.64
CA ILE B 54 -21.94 -19.61 11.09
C ILE B 54 -21.88 -21.11 11.39
N HIS B 55 -22.56 -21.92 10.58
CA HIS B 55 -22.54 -23.39 10.76
C HIS B 55 -21.13 -23.93 10.53
N LEU B 56 -20.54 -23.46 9.45
CA LEU B 56 -19.22 -23.89 9.07
C LEU B 56 -18.25 -23.63 10.23
N MET B 57 -18.31 -22.42 10.79
CA MET B 57 -17.45 -22.03 11.92
C MET B 57 -17.68 -22.92 13.11
N SER B 58 -18.95 -23.22 13.41
CA SER B 58 -19.27 -24.09 14.55
C SER B 58 -18.61 -25.44 14.41
N LYS B 59 -18.61 -26.03 13.21
CA LYS B 59 -17.96 -27.32 13.05
C LYS B 59 -16.44 -27.22 13.21
N ILE B 60 -15.82 -26.24 12.55
CA ILE B 60 -14.35 -26.12 12.58
C ILE B 60 -13.82 -25.85 13.98
N ARG B 61 -14.60 -25.11 14.74
CA ARG B 61 -14.20 -24.80 16.09
C ARG B 61 -14.12 -26.03 17.01
N ARG B 62 -14.59 -27.19 16.54
CA ARG B 62 -14.49 -28.41 17.33
C ARG B 62 -13.03 -28.91 17.30
N TYR B 63 -12.22 -28.26 16.45
CA TYR B 63 -10.83 -28.62 16.30
C TYR B 63 -9.91 -27.48 16.71
N PRO B 64 -8.69 -27.83 17.17
CA PRO B 64 -7.72 -26.83 17.60
C PRO B 64 -6.87 -26.30 16.45
N LEU B 65 -7.53 -25.64 15.52
CA LEU B 65 -6.74 -25.05 14.44
C LEU B 65 -7.26 -23.67 14.14
N PRO B 66 -6.36 -22.80 13.70
CA PRO B 66 -6.75 -21.43 13.39
C PRO B 66 -7.84 -21.39 12.33
N LEU B 67 -8.79 -20.48 12.54
CA LEU B 67 -9.91 -20.26 11.62
C LEU B 67 -9.86 -18.78 11.27
N VAL B 68 -9.65 -18.45 10.00
CA VAL B 68 -9.50 -17.08 9.57
C VAL B 68 -10.52 -16.75 8.46
N LEU B 69 -10.83 -15.46 8.34
CA LEU B 69 -11.77 -15.04 7.31
C LEU B 69 -11.04 -14.14 6.34
N GLU B 70 -11.17 -14.44 5.06
CA GLU B 70 -10.69 -13.47 4.09
C GLU B 70 -11.92 -12.63 3.71
N ILE B 71 -11.87 -11.33 4.00
CA ILE B 71 -13.00 -10.41 3.75
C ILE B 71 -12.94 -9.87 2.34
N SER B 72 -13.88 -10.34 1.51
CA SER B 72 -14.02 -10.02 0.08
C SER B 72 -14.90 -8.83 -0.31
N ASN B 73 -15.83 -8.48 0.56
CA ASN B 73 -16.73 -7.35 0.34
C ASN B 73 -17.17 -6.90 1.73
N ILE B 74 -17.78 -5.71 1.81
CA ILE B 74 -18.19 -5.14 3.10
C ILE B 74 -19.20 -5.98 3.84
N GLU B 75 -19.89 -6.83 3.10
CA GLU B 75 -20.89 -7.71 3.67
C GLU B 75 -20.26 -8.92 4.38
N SER B 76 -18.97 -9.16 4.12
CA SER B 76 -18.23 -10.28 4.72
C SER B 76 -17.85 -10.02 6.18
N VAL B 77 -17.86 -8.75 6.57
CA VAL B 77 -17.57 -8.34 7.94
C VAL B 77 -18.26 -9.31 8.93
N MET B 78 -17.56 -9.73 10.00
CA MET B 78 -18.15 -10.71 10.92
C MET B 78 -17.25 -11.20 12.08
N PRO B 79 -17.78 -11.28 13.32
CA PRO B 79 -16.97 -11.73 14.45
C PRO B 79 -16.75 -13.25 14.59
N GLY B 80 -15.76 -13.64 15.39
CA GLY B 80 -15.51 -15.05 15.65
C GLY B 80 -14.30 -15.69 14.97
N PHE B 81 -13.54 -14.88 14.23
CA PHE B 81 -12.35 -15.41 13.54
C PHE B 81 -11.06 -15.01 14.26
N ASP B 82 -10.01 -15.85 14.13
CA ASP B 82 -8.72 -15.54 14.75
C ASP B 82 -7.99 -14.42 14.05
N PHE B 83 -8.11 -14.38 12.71
CA PHE B 83 -7.51 -13.30 11.91
C PHE B 83 -8.44 -12.94 10.79
N TYR B 84 -8.25 -11.71 10.30
CA TYR B 84 -9.07 -11.16 9.19
C TYR B 84 -8.13 -10.74 8.10
N PHE B 85 -8.14 -11.49 7.00
CA PHE B 85 -7.25 -11.20 5.89
C PHE B 85 -8.01 -10.29 4.89
N VAL B 86 -7.38 -9.18 4.50
CA VAL B 86 -8.07 -8.21 3.61
C VAL B 86 -7.28 -8.06 2.35
N PRO B 87 -7.92 -8.34 1.21
CA PRO B 87 -7.17 -8.20 -0.01
C PRO B 87 -7.11 -6.78 -0.55
N THR B 88 -6.00 -6.45 -1.20
CA THR B 88 -5.95 -5.25 -2.05
C THR B 88 -5.42 -5.86 -3.40
N VAL B 89 -6.15 -5.64 -4.49
CA VAL B 89 -5.77 -6.30 -5.75
C VAL B 89 -4.90 -5.29 -6.53
N LEU B 90 -3.61 -5.49 -6.41
CA LEU B 90 -2.65 -4.53 -6.89
C LEU B 90 -2.60 -4.33 -8.40
N ASN B 91 -3.06 -5.36 -9.11
CA ASN B 91 -3.10 -5.24 -10.58
C ASN B 91 -4.49 -5.00 -11.08
N SER B 92 -5.41 -4.62 -10.20
CA SER B 92 -6.75 -4.28 -10.67
C SER B 92 -6.68 -2.91 -11.35
N THR B 93 -7.50 -2.71 -12.39
CA THR B 93 -7.61 -1.40 -13.03
C THR B 93 -8.73 -0.54 -12.39
N ASP B 94 -9.33 -1.01 -11.29
CA ASP B 94 -10.40 -0.27 -10.66
C ASP B 94 -9.98 0.03 -9.22
N VAL B 95 -9.97 1.32 -8.89
CA VAL B 95 -9.57 1.72 -7.53
C VAL B 95 -10.44 1.10 -6.46
N ALA B 96 -11.71 0.73 -6.75
CA ALA B 96 -12.48 0.06 -5.71
C ALA B 96 -11.75 -1.14 -5.12
N PHE B 97 -10.98 -1.88 -5.92
CA PHE B 97 -10.29 -3.03 -5.42
C PHE B 97 -8.89 -2.75 -4.88
N HIS B 98 -8.44 -1.50 -5.00
CA HIS B 98 -7.17 -1.13 -4.37
C HIS B 98 -7.54 -0.71 -2.95
N ASN B 99 -8.39 0.31 -2.85
CA ASN B 99 -8.79 0.75 -1.53
C ASN B 99 -10.13 1.39 -1.45
N GLY B 100 -10.91 1.46 -2.55
CA GLY B 100 -12.21 2.14 -2.49
C GLY B 100 -13.22 1.42 -1.61
N THR B 101 -13.34 0.12 -1.77
CA THR B 101 -14.24 -0.64 -0.92
C THR B 101 -13.78 -0.65 0.52
N LEU B 102 -12.46 -0.74 0.70
CA LEU B 102 -11.86 -0.66 2.02
C LEU B 102 -12.20 0.69 2.70
N LEU B 103 -12.15 1.80 1.96
CA LEU B 103 -12.50 3.11 2.55
C LEU B 103 -13.93 3.06 3.09
N GLU B 104 -14.88 2.49 2.33
CA GLU B 104 -16.26 2.44 2.82
C GLU B 104 -16.39 1.57 4.06
N ALA B 105 -15.68 0.44 4.07
CA ALA B 105 -15.74 -0.44 5.21
C ALA B 105 -15.16 0.24 6.44
N LEU B 106 -14.08 1.01 6.28
CA LEU B 106 -13.50 1.70 7.44
C LEU B 106 -14.39 2.81 7.96
N LYS B 107 -15.11 3.47 7.05
CA LYS B 107 -16.05 4.51 7.49
C LYS B 107 -17.16 3.87 8.34
N THR B 108 -17.61 2.71 7.91
CA THR B 108 -18.69 2.01 8.63
C THR B 108 -18.27 1.36 9.91
N TYR B 109 -17.16 0.60 9.86
CA TYR B 109 -16.66 -0.22 11.00
C TYR B 109 -15.34 0.15 11.65
N GLY B 110 -14.68 1.18 11.16
CA GLY B 110 -13.35 1.50 11.66
C GLY B 110 -13.21 1.78 13.14
N HIS B 111 -14.22 2.23 13.77
CA HIS B 111 -14.28 2.36 15.21
C HIS B 111 -14.37 1.07 16.02
N SER B 112 -14.76 0.01 15.40
CA SER B 112 -14.96 -1.27 16.05
C SER B 112 -13.99 -2.37 15.73
N ILE B 113 -12.99 -2.04 14.97
CA ILE B 113 -12.01 -2.99 14.51
C ILE B 113 -10.79 -2.99 15.34
N ASP B 114 -10.23 -4.18 15.60
CA ASP B 114 -8.94 -4.26 16.25
C ASP B 114 -7.98 -4.53 15.09
N PHE B 115 -7.26 -3.51 14.68
CA PHE B 115 -6.33 -3.69 13.55
C PHE B 115 -5.20 -4.68 13.74
N GLU B 116 -4.91 -5.08 14.99
CA GLU B 116 -3.84 -6.07 15.20
C GLU B 116 -4.22 -7.42 14.67
N GLU B 117 -5.52 -7.62 14.45
CA GLU B 117 -6.02 -8.91 13.92
C GLU B 117 -6.21 -8.85 12.41
N VAL B 118 -5.89 -7.72 11.80
CA VAL B 118 -6.11 -7.54 10.34
C VAL B 118 -4.81 -7.74 9.60
N ILE B 119 -4.85 -8.58 8.54
CA ILE B 119 -3.63 -8.87 7.78
C ILE B 119 -3.91 -8.41 6.35
N PHE B 120 -3.22 -7.38 5.90
CA PHE B 120 -3.44 -6.82 4.55
C PHE B 120 -2.63 -7.68 3.53
N GLU B 121 -3.35 -8.23 2.54
CA GLU B 121 -2.76 -9.13 1.50
C GLU B 121 -2.63 -8.39 0.19
N GLY B 122 -1.43 -8.29 -0.35
CA GLY B 122 -1.17 -7.63 -1.65
C GLY B 122 -1.36 -8.71 -2.73
N TYR B 123 -2.52 -8.72 -3.37
CA TYR B 123 -2.82 -9.73 -4.36
C TYR B 123 -2.37 -9.31 -5.73
N VAL B 124 -1.94 -10.35 -6.48
CA VAL B 124 -1.75 -10.12 -7.93
C VAL B 124 -2.56 -11.29 -8.52
N VAL B 125 -3.65 -10.98 -9.25
CA VAL B 125 -4.54 -11.97 -9.85
C VAL B 125 -3.94 -12.28 -11.25
N CYS B 126 -3.60 -13.57 -11.44
CA CYS B 126 -2.82 -13.95 -12.63
C CYS B 126 -3.50 -14.73 -13.72
N ASN B 127 -4.70 -15.23 -13.45
CA ASN B 127 -5.43 -16.05 -14.43
C ASN B 127 -6.49 -15.26 -15.16
N ALA B 128 -6.19 -14.97 -16.42
CA ALA B 128 -7.05 -14.17 -17.27
C ALA B 128 -8.45 -14.73 -17.37
N ASP B 129 -8.55 -16.05 -17.43
CA ASP B 129 -9.87 -16.63 -17.58
C ASP B 129 -10.67 -16.88 -16.31
N SER B 130 -10.22 -16.36 -15.17
CA SER B 130 -10.90 -16.52 -13.87
C SER B 130 -11.98 -15.46 -13.49
N LYS B 131 -12.90 -15.83 -12.61
CA LYS B 131 -13.93 -14.94 -12.13
C LYS B 131 -13.38 -13.69 -11.41
N VAL B 132 -12.39 -13.88 -10.55
CA VAL B 132 -11.86 -12.74 -9.84
C VAL B 132 -11.19 -11.76 -10.80
N ALA B 133 -10.55 -12.29 -11.84
CA ALA B 133 -9.91 -11.37 -12.80
C ALA B 133 -10.97 -10.55 -13.50
N LYS B 134 -12.09 -11.17 -13.88
CA LYS B 134 -13.12 -10.44 -14.58
C LYS B 134 -13.79 -9.46 -13.62
N HIS B 135 -13.99 -9.93 -12.40
CA HIS B 135 -14.63 -9.10 -11.37
C HIS B 135 -13.81 -7.88 -10.98
N THR B 136 -12.51 -8.06 -10.84
CA THR B 136 -11.64 -6.96 -10.43
C THR B 136 -11.01 -6.18 -11.57
N LYS B 137 -11.39 -6.52 -12.80
CA LYS B 137 -10.85 -5.85 -13.94
C LYS B 137 -9.33 -5.87 -13.88
N ALA B 138 -8.78 -7.04 -13.58
CA ALA B 138 -7.34 -7.20 -13.44
C ALA B 138 -6.57 -7.18 -14.70
N ASN B 139 -5.39 -6.58 -14.64
CA ASN B 139 -4.49 -6.61 -15.77
C ASN B 139 -3.71 -7.92 -15.56
N THR B 140 -4.05 -8.94 -16.34
CA THR B 140 -3.40 -10.26 -16.25
C THR B 140 -2.35 -10.52 -17.31
N ASP B 141 -1.98 -9.49 -18.05
CA ASP B 141 -0.97 -9.65 -19.12
C ASP B 141 0.37 -9.33 -18.47
N LEU B 142 0.76 -10.20 -17.55
CA LEU B 142 1.96 -10.00 -16.76
C LEU B 142 3.16 -10.82 -17.21
N THR B 143 4.23 -10.09 -17.46
CA THR B 143 5.47 -10.73 -17.81
C THR B 143 6.18 -11.03 -16.50
N THR B 144 7.27 -11.76 -16.58
CA THR B 144 8.05 -12.03 -15.39
C THR B 144 8.54 -10.69 -14.77
N GLU B 145 8.87 -9.71 -15.62
CA GLU B 145 9.34 -8.42 -15.13
C GLU B 145 8.22 -7.68 -14.42
N ASP B 146 7.00 -7.75 -14.95
CA ASP B 146 5.86 -7.14 -14.24
C ASP B 146 5.73 -7.72 -12.84
N LEU B 147 5.75 -9.05 -12.73
CA LEU B 147 5.63 -9.69 -11.42
C LEU B 147 6.77 -9.37 -10.50
N GLU B 148 8.00 -9.27 -11.03
CA GLU B 148 9.12 -8.89 -10.16
C GLU B 148 8.94 -7.47 -9.61
N ALA B 149 8.39 -6.57 -10.42
CA ALA B 149 8.20 -5.18 -10.02
C ALA B 149 7.08 -5.14 -8.97
N TYR B 150 6.00 -5.94 -9.15
CA TYR B 150 4.96 -5.95 -8.11
C TYR B 150 5.57 -6.53 -6.82
N ALA B 151 6.45 -7.52 -6.93
CA ALA B 151 7.06 -8.10 -5.73
C ALA B 151 7.92 -7.03 -5.00
N GLN B 152 8.68 -6.26 -5.77
CA GLN B 152 9.47 -5.20 -5.12
C GLN B 152 8.54 -4.19 -4.49
N MET B 153 7.47 -3.86 -5.21
CA MET B 153 6.51 -2.89 -4.66
C MET B 153 5.93 -3.37 -3.32
N VAL B 154 5.49 -4.61 -3.25
CA VAL B 154 4.88 -5.09 -2.03
C VAL B 154 5.90 -5.20 -0.91
N ASN B 155 7.06 -5.73 -1.25
CA ASN B 155 8.07 -5.97 -0.21
C ASN B 155 8.72 -4.69 0.30
N HIS B 156 9.04 -3.77 -0.61
CA HIS B 156 9.82 -2.59 -0.24
C HIS B 156 9.08 -1.30 -0.10
N MET B 157 7.92 -1.18 -0.74
CA MET B 157 7.22 0.09 -0.69
C MET B 157 5.98 -0.01 0.16
N TYR B 158 5.05 -0.88 -0.19
CA TYR B 158 3.87 -1.02 0.65
C TYR B 158 4.30 -1.76 1.95
N ARG B 159 5.29 -2.65 1.84
CA ARG B 159 5.78 -3.47 2.94
C ARG B 159 4.63 -4.25 3.60
N LEU B 160 3.78 -4.91 2.80
CA LEU B 160 2.68 -5.64 3.35
C LEU B 160 3.15 -6.97 3.92
N PRO B 161 2.43 -7.52 4.89
CA PRO B 161 2.87 -8.79 5.48
C PRO B 161 2.77 -9.97 4.52
N VAL B 162 1.87 -9.85 3.54
CA VAL B 162 1.62 -10.97 2.63
C VAL B 162 1.48 -10.48 1.20
N MET B 163 2.10 -11.25 0.28
CA MET B 163 1.86 -11.02 -1.16
C MET B 163 1.18 -12.31 -1.57
N TYR B 164 0.08 -12.18 -2.29
CA TYR B 164 -0.69 -13.38 -2.62
C TYR B 164 -0.79 -13.45 -4.15
N ILE B 165 -0.10 -14.48 -4.70
CA ILE B 165 -0.16 -14.78 -6.13
C ILE B 165 -1.35 -15.73 -6.32
N GLU B 166 -2.35 -15.33 -7.09
CA GLU B 166 -3.55 -16.14 -7.24
C GLU B 166 -3.79 -16.52 -8.71
N TYR B 167 -3.77 -17.82 -8.98
CA TYR B 167 -4.03 -18.32 -10.36
C TYR B 167 -5.39 -18.93 -10.43
N SER B 168 -6.11 -18.88 -9.32
CA SER B 168 -7.49 -19.34 -9.27
C SER B 168 -7.66 -20.81 -9.60
N GLY B 169 -8.38 -21.09 -10.67
CA GLY B 169 -8.63 -22.49 -10.99
C GLY B 169 -7.52 -23.31 -11.60
N ILE B 170 -6.49 -22.65 -12.11
CA ILE B 170 -5.37 -23.31 -12.76
C ILE B 170 -4.04 -23.23 -12.05
N TYR B 171 -3.16 -24.20 -12.33
CA TYR B 171 -1.84 -24.23 -11.78
C TYR B 171 -0.97 -23.21 -12.50
N GLY B 172 -0.32 -22.32 -11.74
CA GLY B 172 0.48 -21.26 -12.32
C GLY B 172 1.84 -21.57 -12.89
N ASP B 173 2.56 -20.51 -13.26
CA ASP B 173 3.89 -20.59 -13.86
C ASP B 173 4.94 -20.60 -12.74
N VAL B 174 5.52 -21.78 -12.52
CA VAL B 174 6.53 -21.92 -11.49
C VAL B 174 7.71 -20.93 -11.62
N SER B 175 8.22 -20.67 -12.82
CA SER B 175 9.36 -19.76 -12.91
C SER B 175 8.97 -18.33 -12.52
N LYS B 176 7.69 -17.97 -12.75
CA LYS B 176 7.25 -16.62 -12.37
C LYS B 176 7.07 -16.55 -10.87
N VAL B 177 6.49 -17.58 -10.26
CA VAL B 177 6.36 -17.56 -8.78
C VAL B 177 7.81 -17.52 -8.17
N GLN B 178 8.74 -18.25 -8.78
CA GLN B 178 10.15 -18.23 -8.36
C GLN B 178 10.72 -16.83 -8.46
N ALA B 179 10.54 -16.17 -9.61
CA ALA B 179 11.06 -14.81 -9.79
C ALA B 179 10.50 -13.86 -8.71
N VAL B 180 9.23 -14.04 -8.39
CA VAL B 180 8.61 -13.22 -7.37
C VAL B 180 9.28 -13.46 -6.05
N SER B 181 9.43 -14.73 -5.69
CA SER B 181 9.99 -15.07 -4.39
C SER B 181 11.36 -14.46 -4.20
N GLU B 182 12.10 -14.24 -5.29
CA GLU B 182 13.47 -13.70 -5.11
C GLU B 182 13.54 -12.27 -4.58
N HIS B 183 12.43 -11.55 -4.65
CA HIS B 183 12.39 -10.15 -4.20
C HIS B 183 11.70 -9.98 -2.87
N LEU B 184 11.23 -11.08 -2.32
CA LEU B 184 10.53 -11.02 -1.05
C LEU B 184 11.41 -11.39 0.13
N THR B 185 11.44 -10.53 1.12
CA THR B 185 12.23 -10.79 2.30
C THR B 185 11.34 -10.79 3.53
N GLU B 186 10.84 -9.63 3.94
CA GLU B 186 10.00 -9.56 5.09
C GLU B 186 8.56 -9.94 4.75
N THR B 187 8.19 -9.76 3.49
CA THR B 187 6.83 -10.10 3.05
C THR B 187 6.74 -11.63 2.76
N GLN B 188 5.74 -12.26 3.35
CA GLN B 188 5.48 -13.67 3.16
C GLN B 188 4.76 -13.92 1.82
N LEU B 189 5.12 -14.99 1.10
CA LEU B 189 4.49 -15.29 -0.19
C LEU B 189 3.46 -16.39 -0.07
N PHE B 190 2.20 -16.02 -0.32
CA PHE B 190 1.09 -16.99 -0.37
C PHE B 190 0.88 -17.29 -1.88
N TYR B 191 0.68 -18.56 -2.22
CA TYR B 191 0.39 -18.96 -3.60
C TYR B 191 -0.85 -19.81 -3.60
N GLY B 192 -1.81 -19.42 -4.45
CA GLY B 192 -2.99 -20.22 -4.63
C GLY B 192 -3.25 -20.41 -6.12
N GLY B 193 -3.71 -21.61 -6.50
CA GLY B 193 -4.02 -21.84 -7.91
C GLY B 193 -3.85 -23.28 -8.37
N GLY B 194 -4.96 -24.01 -8.52
CA GLY B 194 -4.92 -25.35 -9.11
C GLY B 194 -4.09 -26.44 -8.48
N ILE B 195 -3.76 -26.34 -7.19
CA ILE B 195 -2.95 -27.37 -6.58
C ILE B 195 -3.88 -28.57 -6.27
N SER B 196 -3.63 -29.66 -7.03
CA SER B 196 -4.50 -30.84 -6.93
C SER B 196 -3.79 -32.15 -6.63
N SER B 197 -2.55 -32.08 -6.20
CA SER B 197 -1.81 -33.28 -5.94
C SER B 197 -0.65 -33.00 -5.03
N GLU B 198 -0.06 -34.05 -4.48
CA GLU B 198 1.13 -33.92 -3.66
C GLU B 198 2.24 -33.34 -4.54
N GLN B 199 2.31 -33.76 -5.81
CA GLN B 199 3.33 -33.27 -6.74
C GLN B 199 3.31 -31.73 -6.86
N GLN B 200 2.13 -31.21 -7.15
CA GLN B 200 1.96 -29.77 -7.31
C GLN B 200 2.15 -29.05 -5.97
N ALA B 201 1.62 -29.61 -4.91
CA ALA B 201 1.73 -28.95 -3.59
C ALA B 201 3.20 -28.83 -3.24
N THR B 202 3.92 -29.93 -3.43
CA THR B 202 5.33 -29.92 -3.13
C THR B 202 6.17 -28.96 -3.99
N GLU B 203 5.89 -28.92 -5.30
CA GLU B 203 6.62 -28.05 -6.18
C GLU B 203 6.39 -26.58 -5.80
N MET B 204 5.13 -26.21 -5.51
CA MET B 204 4.90 -24.81 -5.15
C MET B 204 5.30 -24.43 -3.76
N ALA B 205 5.20 -25.38 -2.83
CA ALA B 205 5.56 -25.07 -1.44
C ALA B 205 7.09 -24.96 -1.29
N ALA B 206 7.87 -25.38 -2.30
CA ALA B 206 9.29 -25.18 -2.22
C ALA B 206 9.68 -23.78 -2.68
N ILE B 207 8.71 -23.01 -3.17
CA ILE B 207 8.94 -21.63 -3.67
C ILE B 207 8.19 -20.62 -2.79
N ALA B 208 6.89 -20.84 -2.68
CA ALA B 208 6.04 -19.99 -1.83
C ALA B 208 6.27 -20.37 -0.37
N ASP B 209 6.00 -19.41 0.50
CA ASP B 209 6.05 -19.69 1.91
C ASP B 209 4.82 -20.52 2.38
N THR B 210 3.65 -20.19 1.82
CA THR B 210 2.42 -20.88 2.19
C THR B 210 1.60 -21.14 0.92
N ILE B 211 1.12 -22.38 0.76
CA ILE B 211 0.25 -22.70 -0.36
C ILE B 211 -1.16 -22.74 0.15
N ILE B 212 -2.09 -22.31 -0.72
CA ILE B 212 -3.49 -22.20 -0.37
C ILE B 212 -4.18 -23.18 -1.32
N VAL B 213 -4.93 -24.08 -0.75
CA VAL B 213 -5.54 -25.19 -1.56
C VAL B 213 -7.04 -25.11 -1.36
N GLY B 214 -7.78 -24.95 -2.46
CA GLY B 214 -9.19 -24.79 -2.31
C GLY B 214 -10.05 -25.69 -3.21
N ASP B 215 -9.95 -25.52 -4.54
CA ASP B 215 -10.87 -26.24 -5.40
C ASP B 215 -10.88 -27.76 -5.28
N ILE B 216 -9.68 -28.35 -5.22
CA ILE B 216 -9.55 -29.80 -5.13
C ILE B 216 -10.33 -30.36 -3.95
N ILE B 217 -10.57 -29.56 -2.91
CA ILE B 217 -11.36 -30.04 -1.78
C ILE B 217 -12.77 -30.54 -2.18
N TYR B 218 -13.37 -29.82 -3.12
CA TYR B 218 -14.72 -30.11 -3.60
C TYR B 218 -14.75 -31.10 -4.76
N LYS B 219 -13.61 -31.30 -5.41
CA LYS B 219 -13.53 -32.19 -6.53
C LYS B 219 -13.16 -33.62 -6.16
N ASP B 220 -12.16 -33.80 -5.29
CA ASP B 220 -11.67 -35.12 -4.88
C ASP B 220 -11.04 -34.97 -3.47
N ILE B 221 -11.78 -35.28 -2.42
CA ILE B 221 -11.24 -35.11 -1.05
C ILE B 221 -9.94 -35.89 -0.81
N LYS B 222 -9.81 -37.06 -1.43
CA LYS B 222 -8.59 -37.80 -1.23
C LYS B 222 -7.36 -37.06 -1.78
N LYS B 223 -7.50 -36.43 -2.94
CA LYS B 223 -6.36 -35.74 -3.53
C LYS B 223 -6.06 -34.48 -2.72
N ALA B 224 -7.11 -33.85 -2.28
CA ALA B 224 -6.99 -32.60 -1.49
C ALA B 224 -6.17 -32.95 -0.24
N LEU B 225 -6.53 -34.04 0.43
CA LEU B 225 -5.76 -34.42 1.60
C LEU B 225 -4.29 -34.67 1.34
N LYS B 226 -3.94 -35.10 0.11
CA LYS B 226 -2.55 -35.34 -0.20
C LYS B 226 -1.76 -34.04 -0.37
N THR B 227 -2.47 -32.91 -0.49
CA THR B 227 -1.75 -31.65 -0.68
C THR B 227 -1.06 -31.16 0.56
N VAL B 228 -1.33 -31.78 1.71
CA VAL B 228 -0.62 -31.35 2.91
C VAL B 228 0.75 -32.00 2.98
N LYS B 229 1.00 -32.94 2.07
CA LYS B 229 2.30 -33.62 2.02
C LYS B 229 3.26 -32.78 1.15
N ILE B 230 4.01 -31.92 1.80
CA ILE B 230 4.98 -31.05 1.14
C ILE B 230 6.34 -31.28 1.77
N LYS B 231 7.39 -30.67 1.24
CA LYS B 231 8.70 -30.85 1.88
C LYS B 231 8.99 -29.72 2.90
N GLU B 232 9.98 -29.93 3.77
CA GLU B 232 10.31 -28.91 4.75
C GLU B 232 10.78 -27.65 4.01
N SER B 233 10.55 -26.48 4.60
CA SER B 233 10.93 -25.22 3.94
C SER B 233 12.45 -25.05 3.86
C1 PGE C . -11.91 -4.05 6.61
O1 PGE C . -11.45 -4.79 7.74
C2 PGE C . -12.87 -4.88 5.68
O2 PGE C . -12.42 -4.79 4.29
C3 PGE C . -13.47 -4.90 3.30
C4 PGE C . -12.92 -4.45 1.94
O4 PGE C . -11.23 -5.65 -2.44
C6 PGE C . -11.64 -6.16 -1.13
C5 PGE C . -12.18 -5.02 -0.24
O3 PGE C . -12.72 -5.52 0.98
#